data_2GXF
#
_entry.id   2GXF
#
_cell.length_a   88.251
_cell.length_b   88.251
_cell.length_c   82.836
_cell.angle_alpha   90.00
_cell.angle_beta   90.00
_cell.angle_gamma   90.00
#
_symmetry.space_group_name_H-M   'P 41'
#
loop_
_entity.id
_entity.type
_entity.pdbx_description
1 polymer 'Hypothetical protein yybH'
2 non-polymer '2-(N-MORPHOLINO)-ETHANESULFONIC ACID'
3 water water
#
_entity_poly.entity_id   1
_entity_poly.type   'polypeptide(L)'
_entity_poly.pdbx_seq_one_letter_code
;(MSE)EQQLKDIISACDLAIQNEDFDTL(MSE)NYYSEDAVLVVKPG(MSE)IARGKEEIKKAFITIANYFNHHIVPTQG
K(MSE)ILLEAGDTVLVLSQTLLDSDKKDSEYA(MSE)ERRATYVFKKNAQGEWLCVIDNSYGTDLIGV(MSE)AGDPLE
HHHHHH
;
_entity_poly.pdbx_strand_id   A,B,C,D
#
loop_
_chem_comp.id
_chem_comp.type
_chem_comp.name
_chem_comp.formula
MES non-polymer '2-(N-MORPHOLINO)-ETHANESULFONIC ACID' 'C6 H13 N O4 S'
#
# COMPACT_ATOMS: atom_id res chain seq x y z
N MSE A 1 7.07 13.66 -1.89
CA MSE A 1 6.62 12.55 -2.79
C MSE A 1 5.12 12.33 -2.63
O MSE A 1 4.32 13.10 -3.14
CB MSE A 1 7.36 11.28 -2.42
CG MSE A 1 7.58 11.13 -0.94
SE MSE A 1 7.92 9.28 -0.44
CE MSE A 1 6.19 8.84 0.31
N GLU A 2 4.76 11.25 -1.93
CA GLU A 2 3.36 10.90 -1.70
C GLU A 2 2.73 11.94 -0.80
N GLN A 3 3.56 12.65 -0.07
CA GLN A 3 3.03 13.64 0.85
C GLN A 3 2.77 15.00 0.23
N GLN A 4 3.79 15.60 -0.37
CA GLN A 4 3.61 16.90 -0.97
C GLN A 4 2.39 16.92 -1.87
N LEU A 5 2.15 15.83 -2.58
CA LEU A 5 0.98 15.76 -3.45
C LEU A 5 -0.26 15.73 -2.59
N LYS A 6 -0.22 14.92 -1.52
CA LYS A 6 -1.35 14.82 -0.63
C LYS A 6 -1.59 16.16 0.06
N ASP A 7 -0.53 16.97 0.15
CA ASP A 7 -0.59 18.29 0.77
C ASP A 7 -1.15 19.32 -0.21
N ILE A 8 -0.94 19.07 -1.49
CA ILE A 8 -1.43 19.94 -2.55
C ILE A 8 -2.91 19.67 -2.71
N ILE A 9 -3.32 18.43 -2.50
CA ILE A 9 -4.72 18.10 -2.64
C ILE A 9 -5.46 18.90 -1.59
N SER A 10 -5.02 18.75 -0.35
CA SER A 10 -5.63 19.45 0.79
C SER A 10 -5.57 20.96 0.59
N ALA A 11 -4.43 21.44 0.14
CA ALA A 11 -4.26 22.85 -0.10
C ALA A 11 -5.38 23.32 -1.02
N CYS A 12 -5.65 22.54 -2.08
CA CYS A 12 -6.70 22.88 -3.03
C CYS A 12 -8.08 22.72 -2.43
N ASP A 13 -8.25 21.62 -1.72
CA ASP A 13 -9.52 21.30 -1.07
C ASP A 13 -9.95 22.45 -0.18
N LEU A 14 -8.96 23.09 0.45
CA LEU A 14 -9.21 24.22 1.33
C LEU A 14 -9.46 25.49 0.51
N ALA A 15 -8.62 25.71 -0.49
CA ALA A 15 -8.74 26.88 -1.36
C ALA A 15 -10.15 26.93 -1.93
N ILE A 16 -10.80 25.79 -1.99
CA ILE A 16 -12.15 25.70 -2.53
C ILE A 16 -13.16 26.05 -1.46
N GLN A 17 -12.90 25.65 -0.21
CA GLN A 17 -13.82 25.96 0.87
C GLN A 17 -13.81 27.45 1.15
N ASN A 18 -12.62 28.05 1.07
CA ASN A 18 -12.48 29.48 1.29
C ASN A 18 -12.89 30.25 0.04
N GLU A 19 -13.45 29.53 -0.93
CA GLU A 19 -13.88 30.13 -2.18
C GLU A 19 -12.90 31.14 -2.76
N ASP A 20 -11.60 30.86 -2.64
CA ASP A 20 -10.57 31.74 -3.19
C ASP A 20 -9.91 30.98 -4.34
N PHE A 21 -10.68 30.77 -5.40
CA PHE A 21 -10.24 30.05 -6.59
C PHE A 21 -9.07 30.75 -7.26
N ASP A 22 -8.80 31.98 -6.84
CA ASP A 22 -7.69 32.75 -7.38
C ASP A 22 -6.37 32.09 -6.99
N THR A 23 -6.33 31.48 -5.79
CA THR A 23 -5.12 30.80 -5.31
C THR A 23 -5.17 29.32 -5.69
N LEU A 24 -6.37 28.84 -5.97
CA LEU A 24 -6.58 27.45 -6.37
C LEU A 24 -6.05 27.18 -7.78
N MSE A 25 -6.12 28.18 -8.64
CA MSE A 25 -5.66 28.01 -10.01
C MSE A 25 -4.15 27.99 -10.16
O MSE A 25 -3.63 27.82 -11.27
CB MSE A 25 -6.24 29.12 -10.90
CG MSE A 25 -7.75 29.12 -10.95
SE MSE A 25 -8.46 27.33 -11.18
CE MSE A 25 -7.86 27.00 -12.98
N ASN A 26 -3.45 28.18 -9.06
CA ASN A 26 -2.00 28.18 -9.06
C ASN A 26 -1.51 26.75 -9.01
N TYR A 27 -2.43 25.83 -8.72
CA TYR A 27 -2.11 24.40 -8.61
C TYR A 27 -2.42 23.66 -9.89
N TYR A 28 -3.11 24.33 -10.81
CA TYR A 28 -3.49 23.73 -12.10
C TYR A 28 -2.55 24.18 -13.22
N SER A 29 -2.42 23.38 -14.27
CA SER A 29 -1.57 23.74 -15.39
C SER A 29 -2.41 24.67 -16.24
N GLU A 30 -1.82 25.23 -17.29
CA GLU A 30 -2.58 26.14 -18.13
C GLU A 30 -3.57 25.44 -19.06
N ASP A 31 -3.20 24.27 -19.56
CA ASP A 31 -4.04 23.52 -20.47
C ASP A 31 -4.69 22.32 -19.81
N ALA A 32 -4.80 22.40 -18.48
CA ALA A 32 -5.40 21.34 -17.67
C ALA A 32 -6.86 21.02 -18.05
N VAL A 33 -7.35 19.90 -17.57
CA VAL A 33 -8.72 19.50 -17.84
C VAL A 33 -9.28 19.04 -16.52
N LEU A 34 -10.53 19.41 -16.26
CA LEU A 34 -11.20 19.05 -15.02
C LEU A 34 -12.56 18.45 -15.30
N VAL A 35 -12.82 17.28 -14.76
CA VAL A 35 -14.10 16.63 -14.97
C VAL A 35 -14.98 17.12 -13.84
N VAL A 36 -15.94 17.95 -14.20
CA VAL A 36 -16.86 18.50 -13.19
C VAL A 36 -17.83 17.42 -12.74
N LYS A 37 -18.44 16.78 -13.75
CA LYS A 37 -19.42 15.71 -13.58
C LYS A 37 -19.46 14.96 -14.91
N PRO A 38 -19.90 13.70 -14.89
CA PRO A 38 -19.96 12.90 -16.13
C PRO A 38 -20.50 13.68 -17.32
N GLY A 39 -19.77 13.59 -18.44
CA GLY A 39 -20.15 14.28 -19.66
C GLY A 39 -20.12 15.78 -19.47
N MSE A 40 -19.02 16.26 -18.90
CA MSE A 40 -18.88 17.66 -18.59
C MSE A 40 -17.46 17.95 -18.17
O MSE A 40 -17.09 17.72 -17.02
CB MSE A 40 -19.81 18.00 -17.44
CG MSE A 40 -19.49 19.29 -16.70
SE MSE A 40 -20.67 20.76 -17.31
CE MSE A 40 -22.32 20.04 -16.43
N ILE A 41 -16.66 18.46 -19.09
CA ILE A 41 -15.28 18.76 -18.74
C ILE A 41 -14.93 20.22 -19.02
N ALA A 42 -14.03 20.77 -18.22
CA ALA A 42 -13.60 22.14 -18.36
C ALA A 42 -12.15 22.11 -18.79
N ARG A 43 -11.80 22.88 -19.82
CA ARG A 43 -10.43 22.92 -20.32
C ARG A 43 -9.81 24.31 -20.20
N GLY A 44 -8.58 24.37 -19.72
CA GLY A 44 -7.91 25.66 -19.56
C GLY A 44 -8.17 26.24 -18.19
N LYS A 45 -7.21 27.00 -17.67
CA LYS A 45 -7.38 27.59 -16.35
C LYS A 45 -8.64 28.40 -16.21
N GLU A 46 -9.00 29.15 -17.24
CA GLU A 46 -10.20 29.98 -17.19
C GLU A 46 -11.47 29.17 -17.06
N GLU A 47 -11.70 28.25 -17.98
CA GLU A 47 -12.92 27.42 -17.93
C GLU A 47 -13.06 26.66 -16.60
N ILE A 48 -11.93 26.17 -16.09
CA ILE A 48 -11.90 25.42 -14.83
C ILE A 48 -12.23 26.33 -13.66
N LYS A 49 -11.76 27.57 -13.71
CA LYS A 49 -12.01 28.51 -12.65
C LYS A 49 -13.51 28.76 -12.60
N LYS A 50 -14.12 28.98 -13.75
CA LYS A 50 -15.55 29.22 -13.82
C LYS A 50 -16.32 28.02 -13.27
N ALA A 51 -15.91 26.82 -13.66
CA ALA A 51 -16.57 25.60 -13.21
C ALA A 51 -16.66 25.51 -11.69
N PHE A 52 -15.56 25.80 -11.00
CA PHE A 52 -15.53 25.77 -9.54
C PHE A 52 -16.41 26.86 -8.94
N ILE A 53 -16.35 28.05 -9.52
CA ILE A 53 -17.17 29.15 -9.04
C ILE A 53 -18.63 28.76 -9.16
N THR A 54 -19.00 28.15 -10.29
CA THR A 54 -20.39 27.73 -10.54
C THR A 54 -20.83 26.67 -9.53
N ILE A 55 -20.13 25.55 -9.51
CA ILE A 55 -20.47 24.47 -8.58
C ILE A 55 -20.01 24.77 -7.15
N ALA A 56 -19.80 26.05 -6.85
CA ALA A 56 -19.35 26.46 -5.52
C ALA A 56 -20.35 26.16 -4.41
N ASN A 57 -21.58 26.59 -4.63
CA ASN A 57 -22.67 26.45 -3.67
C ASN A 57 -23.51 25.17 -3.81
N TYR A 58 -22.89 24.03 -3.54
CA TYR A 58 -23.58 22.75 -3.60
C TYR A 58 -23.17 21.90 -2.40
N PHE A 59 -24.10 21.09 -1.86
CA PHE A 59 -23.80 20.24 -0.70
C PHE A 59 -24.67 18.99 -0.64
N ASN A 60 -24.19 17.94 0.02
CA ASN A 60 -24.95 16.69 0.15
C ASN A 60 -25.63 16.62 1.51
N HIS A 61 -26.92 16.22 1.55
CA HIS A 61 -27.70 16.13 2.82
C HIS A 61 -27.08 15.09 3.74
N HIS A 62 -26.40 15.58 4.77
CA HIS A 62 -25.73 14.74 5.77
C HIS A 62 -24.66 13.90 5.08
N ILE A 63 -23.46 14.44 4.96
CA ILE A 63 -22.33 13.72 4.35
C ILE A 63 -21.03 14.16 4.99
N VAL A 64 -20.19 13.17 5.30
CA VAL A 64 -18.91 13.43 5.93
C VAL A 64 -17.71 12.84 5.16
N PRO A 65 -17.17 13.59 4.18
CA PRO A 65 -16.03 13.14 3.38
C PRO A 65 -14.81 12.91 4.27
N THR A 66 -13.98 11.93 3.91
CA THR A 66 -12.79 11.59 4.69
C THR A 66 -11.72 10.99 3.77
N GLN A 67 -10.51 11.57 3.80
CA GLN A 67 -9.41 11.06 2.99
C GLN A 67 -9.14 9.60 3.33
N GLY A 68 -8.96 8.79 2.29
CA GLY A 68 -8.71 7.37 2.48
C GLY A 68 -7.44 6.91 1.80
N LYS A 69 -7.39 5.62 1.49
CA LYS A 69 -6.24 5.02 0.83
C LYS A 69 -5.88 5.81 -0.41
N MSE A 70 -4.59 5.97 -0.68
CA MSE A 70 -4.18 6.72 -1.85
C MSE A 70 -2.92 6.16 -2.49
O MSE A 70 -1.84 6.18 -1.89
CB MSE A 70 -3.93 8.16 -1.47
CG MSE A 70 -3.48 8.99 -2.64
SE MSE A 70 -2.75 10.71 -2.08
CE MSE A 70 -4.42 11.61 -1.68
N ILE A 71 -3.03 5.68 -3.71
CA ILE A 71 -1.88 5.12 -4.40
C ILE A 71 -1.28 6.13 -5.37
N LEU A 72 0.04 6.12 -5.51
CA LEU A 72 0.72 7.03 -6.43
C LEU A 72 1.56 6.29 -7.42
N LEU A 73 1.30 6.49 -8.70
CA LEU A 73 2.11 5.82 -9.72
C LEU A 73 2.91 6.90 -10.40
N GLU A 74 4.16 7.06 -9.99
CA GLU A 74 5.02 8.09 -10.54
C GLU A 74 5.85 7.57 -11.69
N ALA A 75 5.89 8.31 -12.78
CA ALA A 75 6.69 7.92 -13.95
C ALA A 75 7.52 9.12 -14.36
N GLY A 76 8.44 9.49 -13.48
CA GLY A 76 9.32 10.60 -13.74
C GLY A 76 8.62 11.94 -13.86
N ASP A 77 8.38 12.34 -15.10
CA ASP A 77 7.74 13.62 -15.37
C ASP A 77 6.32 13.79 -14.81
N THR A 78 5.48 12.77 -15.01
CA THR A 78 4.09 12.82 -14.56
C THR A 78 3.83 11.85 -13.41
N VAL A 79 2.65 11.96 -12.79
CA VAL A 79 2.26 11.09 -11.68
C VAL A 79 0.77 10.78 -11.67
N LEU A 80 0.38 9.50 -11.63
CA LEU A 80 -1.04 9.13 -11.59
C LEU A 80 -1.45 8.85 -10.15
N VAL A 81 -2.35 9.66 -9.62
CA VAL A 81 -2.83 9.51 -8.25
C VAL A 81 -4.19 8.83 -8.14
N LEU A 82 -4.26 7.75 -7.37
CA LEU A 82 -5.55 7.06 -7.17
C LEU A 82 -5.99 7.32 -5.73
N SER A 83 -6.74 8.41 -5.55
CA SER A 83 -7.22 8.82 -4.23
C SER A 83 -8.62 8.30 -3.87
N GLN A 84 -8.70 7.57 -2.78
CA GLN A 84 -9.99 7.07 -2.32
C GLN A 84 -10.51 8.02 -1.27
N THR A 85 -11.80 8.34 -1.40
CA THR A 85 -12.45 9.26 -0.50
C THR A 85 -13.60 8.52 0.14
N LEU A 86 -13.63 8.52 1.48
CA LEU A 86 -14.67 7.84 2.23
C LEU A 86 -15.79 8.81 2.51
N LEU A 87 -17.03 8.31 2.43
CA LEU A 87 -18.22 9.12 2.66
C LEU A 87 -18.63 9.19 4.14
N ASP A 88 -18.60 8.04 4.82
CA ASP A 88 -18.97 7.99 6.24
C ASP A 88 -17.80 7.71 7.18
N MSE A 98 -19.31 3.12 1.39
CA MSE A 98 -19.42 4.38 0.66
C MSE A 98 -18.07 5.03 0.42
O MSE A 98 -17.46 5.60 1.32
CB MSE A 98 -20.31 5.36 1.43
CG MSE A 98 -21.74 4.86 1.62
SE MSE A 98 -22.52 4.31 -0.09
CE MSE A 98 -23.13 2.51 0.41
N GLU A 99 -17.60 4.93 -0.82
CA GLU A 99 -16.31 5.51 -1.18
C GLU A 99 -16.30 6.06 -2.59
N ARG A 100 -15.29 6.87 -2.87
CA ARG A 100 -15.14 7.50 -4.17
C ARG A 100 -13.68 7.47 -4.63
N ARG A 101 -13.37 6.56 -5.54
CA ARG A 101 -12.01 6.42 -6.04
C ARG A 101 -11.76 7.28 -7.27
N ALA A 102 -11.00 8.35 -7.08
CA ALA A 102 -10.68 9.28 -8.15
C ALA A 102 -9.29 9.06 -8.75
N THR A 103 -9.07 9.66 -9.92
CA THR A 103 -7.79 9.55 -10.62
C THR A 103 -7.32 10.94 -11.04
N TYR A 104 -6.24 11.39 -10.43
CA TYR A 104 -5.70 12.69 -10.76
C TYR A 104 -4.35 12.50 -11.43
N VAL A 105 -3.95 13.44 -12.27
CA VAL A 105 -2.66 13.35 -12.94
C VAL A 105 -1.93 14.67 -12.76
N PHE A 106 -0.77 14.62 -12.12
CA PHE A 106 0.01 15.83 -11.90
C PHE A 106 1.27 15.75 -12.72
N LYS A 107 1.78 16.91 -13.12
CA LYS A 107 3.00 17.00 -13.89
C LYS A 107 3.92 18.03 -13.22
N LYS A 108 5.14 17.62 -12.90
CA LYS A 108 6.12 18.49 -12.24
C LYS A 108 6.76 19.40 -13.29
N ASN A 109 6.52 20.70 -13.16
CA ASN A 109 7.08 21.68 -14.10
C ASN A 109 8.56 21.91 -13.82
N ALA A 110 9.17 22.84 -14.55
CA ALA A 110 10.60 23.14 -14.36
C ALA A 110 10.89 23.58 -12.92
N GLN A 111 10.02 24.44 -12.37
CA GLN A 111 10.18 24.96 -11.00
C GLN A 111 10.17 23.85 -9.95
N GLY A 112 9.78 22.64 -10.33
CA GLY A 112 9.76 21.54 -9.39
C GLY A 112 8.46 21.41 -8.62
N GLU A 113 7.46 22.20 -8.99
CA GLU A 113 6.15 22.16 -8.32
C GLU A 113 5.16 21.33 -9.15
N TRP A 114 4.52 20.37 -8.50
CA TRP A 114 3.56 19.50 -9.17
C TRP A 114 2.22 20.18 -9.42
N LEU A 115 1.87 20.34 -10.68
CA LEU A 115 0.62 20.96 -11.02
C LEU A 115 -0.37 19.90 -11.45
N CYS A 116 -1.64 20.22 -11.43
CA CYS A 116 -2.63 19.24 -11.86
C CYS A 116 -2.90 19.42 -13.36
N VAL A 117 -2.97 18.31 -14.10
CA VAL A 117 -3.20 18.39 -15.54
C VAL A 117 -4.53 17.75 -15.89
N ILE A 118 -4.86 16.66 -15.20
CA ILE A 118 -6.13 15.98 -15.43
C ILE A 118 -6.73 15.71 -14.05
N ASP A 119 -7.86 16.36 -13.81
CA ASP A 119 -8.61 16.25 -12.55
C ASP A 119 -9.96 15.55 -12.83
N ASN A 120 -10.00 14.24 -12.58
CA ASN A 120 -11.20 13.45 -12.80
C ASN A 120 -11.59 12.82 -11.48
N SER A 121 -12.32 13.56 -10.67
CA SER A 121 -12.72 13.05 -9.37
C SER A 121 -13.64 11.81 -9.39
N TYR A 122 -13.91 11.30 -10.59
CA TYR A 122 -14.77 10.12 -10.76
C TYR A 122 -14.00 8.85 -11.06
N GLY A 123 -12.74 9.01 -11.48
CA GLY A 123 -11.95 7.84 -11.80
C GLY A 123 -12.54 7.00 -12.93
N THR A 124 -12.39 5.68 -12.81
CA THR A 124 -12.89 4.74 -13.80
C THR A 124 -14.41 4.66 -13.76
N ASP A 125 -15.03 5.26 -12.75
CA ASP A 125 -16.49 5.26 -12.62
C ASP A 125 -17.11 6.00 -13.82
N LEU A 126 -16.29 6.85 -14.45
CA LEU A 126 -16.73 7.61 -15.60
C LEU A 126 -17.25 6.66 -16.68
N ILE A 127 -16.64 5.49 -16.76
CA ILE A 127 -17.00 4.47 -17.75
C ILE A 127 -18.41 3.94 -17.52
N GLY A 128 -18.62 3.39 -16.34
CA GLY A 128 -19.92 2.85 -15.98
C GLY A 128 -20.98 3.91 -15.66
N MSE B 1 -6.61 10.10 -32.67
CA MSE B 1 -7.11 10.51 -31.31
C MSE B 1 -7.46 9.28 -30.48
O MSE B 1 -6.59 8.59 -29.97
CB MSE B 1 -8.35 11.38 -31.48
CG MSE B 1 -9.24 10.95 -32.62
SE MSE B 1 -11.06 11.59 -32.47
CE MSE B 1 -11.90 9.99 -31.76
N GLU B 2 -8.76 9.03 -30.33
CA GLU B 2 -9.24 7.88 -29.58
C GLU B 2 -8.88 6.60 -30.30
N GLN B 3 -8.60 6.71 -31.60
CA GLN B 3 -8.28 5.51 -32.38
C GLN B 3 -6.82 5.14 -32.35
N GLN B 4 -5.95 6.07 -32.71
CA GLN B 4 -4.53 5.75 -32.73
C GLN B 4 -4.09 5.14 -31.42
N LEU B 5 -4.66 5.62 -30.33
CA LEU B 5 -4.31 5.07 -29.02
C LEU B 5 -4.84 3.66 -28.95
N LYS B 6 -6.09 3.49 -29.36
CA LYS B 6 -6.71 2.17 -29.33
C LYS B 6 -5.95 1.21 -30.26
N ASP B 7 -5.28 1.78 -31.26
CA ASP B 7 -4.50 1.02 -32.24
C ASP B 7 -3.13 0.67 -31.66
N ILE B 8 -2.66 1.50 -30.73
CA ILE B 8 -1.39 1.31 -30.06
C ILE B 8 -1.58 0.22 -29.02
N ILE B 9 -2.76 0.22 -28.42
CA ILE B 9 -3.05 -0.79 -27.41
C ILE B 9 -2.95 -2.14 -28.08
N SER B 10 -3.71 -2.31 -29.17
CA SER B 10 -3.76 -3.55 -29.93
C SER B 10 -2.37 -3.91 -30.44
N ALA B 11 -1.67 -2.92 -30.95
CA ALA B 11 -0.32 -3.13 -31.45
C ALA B 11 0.50 -3.80 -30.35
N CYS B 12 0.40 -3.29 -29.13
CA CYS B 12 1.14 -3.85 -28.00
C CYS B 12 0.61 -5.20 -27.60
N ASP B 13 -0.71 -5.30 -27.54
CA ASP B 13 -1.39 -6.53 -27.17
C ASP B 13 -0.91 -7.66 -28.05
N LEU B 14 -0.65 -7.33 -29.31
CA LEU B 14 -0.18 -8.32 -30.26
C LEU B 14 1.30 -8.56 -30.06
N ALA B 15 2.05 -7.48 -29.89
CA ALA B 15 3.50 -7.58 -29.68
C ALA B 15 3.80 -8.52 -28.52
N ILE B 16 2.83 -8.65 -27.63
CA ILE B 16 2.96 -9.51 -26.47
C ILE B 16 2.64 -10.95 -26.81
N GLN B 17 1.66 -11.16 -27.68
CA GLN B 17 1.31 -12.52 -28.07
C GLN B 17 2.44 -13.14 -28.89
N ASN B 18 3.04 -12.31 -29.77
CA ASN B 18 4.14 -12.76 -30.60
C ASN B 18 5.42 -12.78 -29.79
N GLU B 19 5.31 -12.57 -28.49
CA GLU B 19 6.45 -12.56 -27.59
C GLU B 19 7.66 -11.81 -28.15
N ASP B 20 7.41 -10.69 -28.82
CA ASP B 20 8.50 -9.88 -29.37
C ASP B 20 8.52 -8.56 -28.62
N PHE B 21 8.84 -8.67 -27.33
CA PHE B 21 8.90 -7.53 -26.43
C PHE B 21 9.91 -6.49 -26.89
N ASP B 22 10.73 -6.85 -27.86
CA ASP B 22 11.72 -5.95 -28.40
C ASP B 22 11.02 -4.81 -29.15
N THR B 23 9.89 -5.11 -29.79
CA THR B 23 9.14 -4.10 -30.53
C THR B 23 8.09 -3.48 -29.61
N LEU B 24 7.75 -4.19 -28.54
CA LEU B 24 6.77 -3.71 -27.58
C LEU B 24 7.31 -2.55 -26.75
N MSE B 25 8.62 -2.55 -26.50
CA MSE B 25 9.22 -1.50 -25.69
C MSE B 25 9.36 -0.18 -26.41
O MSE B 25 9.82 0.81 -25.84
CB MSE B 25 10.59 -1.94 -25.19
CG MSE B 25 10.56 -3.17 -24.31
SE MSE B 25 9.15 -3.08 -23.00
CE MSE B 25 9.85 -1.61 -21.93
N ASN B 26 8.95 -0.18 -27.67
CA ASN B 26 9.03 1.02 -28.48
C ASN B 26 7.82 1.90 -28.20
N TYR B 27 6.83 1.30 -27.53
CA TYR B 27 5.60 2.00 -27.18
C TYR B 27 5.62 2.59 -25.78
N TYR B 28 6.63 2.21 -25.00
CA TYR B 28 6.75 2.67 -23.62
C TYR B 28 7.79 3.79 -23.54
N SER B 29 7.67 4.64 -22.52
CA SER B 29 8.63 5.73 -22.33
C SER B 29 9.83 5.11 -21.64
N GLU B 30 10.89 5.88 -21.46
CA GLU B 30 12.07 5.33 -20.83
C GLU B 30 11.92 5.15 -19.31
N ASP B 31 11.23 6.10 -18.66
CA ASP B 31 11.02 6.06 -17.21
C ASP B 31 9.60 5.61 -16.84
N ALA B 32 8.95 4.91 -17.76
CA ALA B 32 7.60 4.41 -17.56
C ALA B 32 7.47 3.48 -16.36
N VAL B 33 6.23 3.22 -15.95
CA VAL B 33 5.96 2.34 -14.83
C VAL B 33 4.85 1.42 -15.26
N LEU B 34 4.98 0.15 -14.93
CA LEU B 34 3.98 -0.84 -15.30
C LEU B 34 3.55 -1.62 -14.05
N VAL B 35 2.25 -1.69 -13.83
CA VAL B 35 1.74 -2.45 -12.71
C VAL B 35 1.50 -3.88 -13.23
N VAL B 36 2.35 -4.81 -12.81
CA VAL B 36 2.22 -6.19 -13.24
C VAL B 36 1.04 -6.86 -12.55
N LYS B 37 0.96 -6.66 -11.23
CA LYS B 37 -0.08 -7.19 -10.36
C LYS B 37 0.00 -6.35 -9.08
N PRO B 38 -1.10 -6.29 -8.30
CA PRO B 38 -1.11 -5.53 -7.06
C PRO B 38 0.15 -5.71 -6.23
N GLY B 39 0.72 -4.59 -5.79
CA GLY B 39 1.93 -4.60 -4.98
C GLY B 39 3.10 -5.16 -5.75
N MSE B 40 3.26 -4.68 -6.98
CA MSE B 40 4.30 -5.16 -7.86
C MSE B 40 4.40 -4.27 -9.08
O MSE B 40 3.60 -4.39 -10.02
CB MSE B 40 3.94 -6.59 -8.29
CG MSE B 40 4.54 -7.06 -9.60
SE MSE B 40 5.85 -8.48 -9.51
CE MSE B 40 4.91 -9.79 -8.49
N ILE B 41 5.35 -3.34 -9.09
CA ILE B 41 5.47 -2.46 -10.22
C ILE B 41 6.86 -2.55 -10.81
N ALA B 42 6.95 -2.32 -12.11
CA ALA B 42 8.22 -2.35 -12.83
C ALA B 42 8.50 -0.94 -13.33
N ARG B 43 9.71 -0.43 -13.09
CA ARG B 43 10.08 0.92 -13.49
C ARG B 43 11.23 0.90 -14.49
N GLY B 44 11.09 1.68 -15.56
CA GLY B 44 12.13 1.71 -16.57
C GLY B 44 11.88 0.69 -17.68
N LYS B 45 12.31 0.99 -18.89
CA LYS B 45 12.12 0.08 -20.01
C LYS B 45 12.66 -1.30 -19.72
N GLU B 46 13.82 -1.37 -19.09
CA GLU B 46 14.44 -2.67 -18.80
C GLU B 46 13.62 -3.52 -17.83
N GLU B 47 13.31 -2.99 -16.66
CA GLU B 47 12.52 -3.73 -15.69
C GLU B 47 11.18 -4.19 -16.27
N ILE B 48 10.55 -3.32 -17.06
CA ILE B 48 9.26 -3.62 -17.68
C ILE B 48 9.39 -4.72 -18.72
N LYS B 49 10.50 -4.73 -19.44
CA LYS B 49 10.73 -5.74 -20.45
C LYS B 49 10.81 -7.09 -19.76
N LYS B 50 11.59 -7.15 -18.68
CA LYS B 50 11.74 -8.39 -17.93
C LYS B 50 10.41 -8.87 -17.39
N ALA B 51 9.63 -7.94 -16.85
CA ALA B 51 8.33 -8.28 -16.29
C ALA B 51 7.48 -9.02 -17.31
N PHE B 52 7.40 -8.50 -18.54
CA PHE B 52 6.59 -9.13 -19.58
C PHE B 52 7.13 -10.48 -19.96
N ILE B 53 8.46 -10.58 -20.06
CA ILE B 53 9.10 -11.83 -20.41
C ILE B 53 8.76 -12.87 -19.34
N THR B 54 8.82 -12.44 -18.07
CA THR B 54 8.52 -13.35 -16.97
C THR B 54 7.07 -13.83 -17.03
N ILE B 55 6.12 -12.89 -16.97
CA ILE B 55 4.71 -13.24 -17.00
C ILE B 55 4.25 -13.59 -18.40
N ALA B 56 5.18 -13.96 -19.27
CA ALA B 56 4.84 -14.31 -20.64
C ALA B 56 3.93 -15.53 -20.62
N ASN B 57 4.30 -16.42 -19.71
CA ASN B 57 3.65 -17.69 -19.47
C ASN B 57 2.70 -17.71 -18.25
N TYR B 58 2.98 -16.91 -17.22
CA TYR B 58 2.10 -16.88 -16.04
C TYR B 58 0.68 -16.53 -16.46
N PHE B 59 0.56 -15.55 -17.34
CA PHE B 59 -0.72 -15.11 -17.88
C PHE B 59 -0.95 -15.82 -19.22
N ASN B 60 -2.09 -16.51 -19.35
CA ASN B 60 -2.46 -17.21 -20.59
C ASN B 60 -3.17 -16.22 -21.49
N HIS B 61 -2.44 -15.58 -22.40
CA HIS B 61 -3.04 -14.63 -23.33
C HIS B 61 -3.98 -15.41 -24.23
N HIS B 62 -4.12 -14.99 -25.49
CA HIS B 62 -5.01 -15.67 -26.45
C HIS B 62 -6.44 -15.40 -26.01
N ILE B 63 -6.60 -15.14 -24.72
CA ILE B 63 -7.88 -14.84 -24.12
C ILE B 63 -8.23 -13.40 -24.48
N VAL B 64 -8.20 -13.12 -25.77
CA VAL B 64 -8.51 -11.80 -26.30
C VAL B 64 -9.76 -11.20 -25.63
N PRO B 65 -9.58 -10.35 -24.59
CA PRO B 65 -10.68 -9.71 -23.87
C PRO B 65 -11.36 -8.77 -24.85
N THR B 66 -12.64 -8.46 -24.63
CA THR B 66 -13.32 -7.62 -25.61
C THR B 66 -13.23 -6.13 -25.29
N GLN B 67 -12.69 -5.34 -26.21
CA GLN B 67 -12.56 -3.90 -26.00
C GLN B 67 -13.94 -3.34 -25.77
N GLY B 68 -14.04 -2.45 -24.79
CA GLY B 68 -15.30 -1.83 -24.46
C GLY B 68 -15.20 -0.32 -24.44
N LYS B 69 -16.09 0.30 -23.69
CA LYS B 69 -16.13 1.76 -23.57
C LYS B 69 -14.74 2.30 -23.22
N MSE B 70 -14.39 3.45 -23.78
CA MSE B 70 -13.09 4.01 -23.50
C MSE B 70 -13.12 5.52 -23.48
O MSE B 70 -13.37 6.15 -24.49
CB MSE B 70 -12.07 3.58 -24.53
CG MSE B 70 -10.72 4.18 -24.27
SE MSE B 70 -9.50 3.97 -25.72
CE MSE B 70 -9.22 2.04 -25.58
N ILE B 71 -12.82 6.12 -22.33
CA ILE B 71 -12.84 7.58 -22.24
C ILE B 71 -11.45 8.13 -22.28
N LEU B 72 -11.29 9.29 -22.89
CA LEU B 72 -9.97 9.91 -22.97
C LEU B 72 -9.99 11.29 -22.37
N LEU B 73 -9.10 11.56 -21.43
CA LEU B 73 -9.04 12.88 -20.84
C LEU B 73 -7.70 13.46 -21.24
N GLU B 74 -7.70 14.27 -22.29
CA GLU B 74 -6.48 14.86 -22.81
C GLU B 74 -6.20 16.23 -22.22
N ALA B 75 -4.97 16.44 -21.76
CA ALA B 75 -4.62 17.73 -21.18
C ALA B 75 -3.33 18.21 -21.83
N GLY B 76 -3.43 18.46 -23.13
CA GLY B 76 -2.30 18.92 -23.90
C GLY B 76 -1.18 17.91 -24.03
N ASP B 77 -0.16 18.08 -23.21
CA ASP B 77 1.00 17.21 -23.20
C ASP B 77 0.69 15.73 -22.91
N THR B 78 -0.07 15.47 -21.86
CA THR B 78 -0.40 14.09 -21.47
C THR B 78 -1.86 13.75 -21.73
N VAL B 79 -2.23 12.47 -21.56
CA VAL B 79 -3.58 11.98 -21.77
C VAL B 79 -3.96 10.83 -20.82
N LEU B 80 -5.05 10.96 -20.07
CA LEU B 80 -5.47 9.88 -19.19
C LEU B 80 -6.51 9.03 -19.90
N VAL B 81 -6.21 7.75 -20.10
CA VAL B 81 -7.12 6.84 -20.77
C VAL B 81 -7.88 5.89 -19.84
N LEU B 82 -9.21 5.88 -19.91
CA LEU B 82 -9.98 4.99 -19.08
C LEU B 82 -10.59 3.92 -19.96
N SER B 83 -9.84 2.85 -20.19
CA SER B 83 -10.29 1.75 -21.04
C SER B 83 -11.01 0.64 -20.30
N GLN B 84 -12.22 0.34 -20.74
CA GLN B 84 -12.97 -0.75 -20.15
C GLN B 84 -12.81 -1.98 -21.03
N THR B 85 -12.54 -3.11 -20.39
CA THR B 85 -12.34 -4.37 -21.08
C THR B 85 -13.38 -5.36 -20.61
N LEU B 86 -14.12 -5.93 -21.56
CA LEU B 86 -15.16 -6.89 -21.24
C LEU B 86 -14.59 -8.31 -21.27
N LEU B 87 -15.05 -9.11 -20.30
CA LEU B 87 -14.61 -10.50 -20.18
C LEU B 87 -15.41 -11.47 -21.05
N ASP B 88 -16.74 -11.33 -21.07
CA ASP B 88 -17.60 -12.21 -21.85
C ASP B 88 -18.27 -11.50 -23.03
N MSE B 98 -18.99 -8.76 -16.07
CA MSE B 98 -17.55 -8.99 -16.04
C MSE B 98 -16.79 -7.97 -16.88
O MSE B 98 -16.77 -8.06 -18.11
CB MSE B 98 -17.23 -10.40 -16.51
CG MSE B 98 -17.85 -11.50 -15.67
SE MSE B 98 -17.37 -11.42 -13.77
CE MSE B 98 -19.18 -11.34 -13.00
N GLU B 99 -16.12 -7.03 -16.22
CA GLU B 99 -15.36 -6.00 -16.91
C GLU B 99 -14.10 -5.61 -16.13
N ARG B 100 -13.20 -4.93 -16.83
CA ARG B 100 -11.95 -4.48 -16.24
C ARG B 100 -11.63 -3.05 -16.68
N ARG B 101 -11.85 -2.10 -15.80
CA ARG B 101 -11.59 -0.70 -16.09
C ARG B 101 -10.18 -0.28 -15.70
N ALA B 102 -9.34 -0.06 -16.71
CA ALA B 102 -7.96 0.32 -16.49
C ALA B 102 -7.72 1.80 -16.72
N THR B 103 -6.56 2.28 -16.27
CA THR B 103 -6.17 3.67 -16.40
C THR B 103 -4.75 3.74 -16.94
N TYR B 104 -4.61 4.23 -18.17
CA TYR B 104 -3.31 4.36 -18.79
C TYR B 104 -3.03 5.82 -18.97
N VAL B 105 -1.75 6.17 -18.99
CA VAL B 105 -1.37 7.56 -19.17
C VAL B 105 -0.33 7.60 -20.27
N PHE B 106 -0.63 8.35 -21.34
CA PHE B 106 0.31 8.50 -22.43
C PHE B 106 0.80 9.95 -22.50
N LYS B 107 2.03 10.12 -22.98
CA LYS B 107 2.61 11.43 -23.14
C LYS B 107 3.16 11.52 -24.57
N LYS B 108 2.74 12.56 -25.30
CA LYS B 108 3.17 12.79 -26.67
C LYS B 108 4.55 13.45 -26.67
N ASN B 109 5.55 12.75 -27.21
CA ASN B 109 6.91 13.26 -27.24
C ASN B 109 7.06 14.30 -28.36
N ALA B 110 8.26 14.82 -28.56
CA ALA B 110 8.50 15.83 -29.59
C ALA B 110 8.11 15.32 -30.97
N GLN B 111 8.46 14.06 -31.26
CA GLN B 111 8.15 13.42 -32.55
C GLN B 111 6.65 13.35 -32.84
N GLY B 112 5.84 13.61 -31.81
CA GLY B 112 4.41 13.58 -32.01
C GLY B 112 3.78 12.22 -31.80
N GLU B 113 4.57 11.26 -31.35
CA GLU B 113 4.07 9.91 -31.09
C GLU B 113 3.75 9.72 -29.61
N TRP B 114 2.53 9.25 -29.31
CA TRP B 114 2.12 9.04 -27.93
C TRP B 114 2.73 7.79 -27.33
N LEU B 115 3.52 7.96 -26.28
CA LEU B 115 4.15 6.82 -25.62
C LEU B 115 3.42 6.57 -24.31
N CYS B 116 3.58 5.37 -23.78
CA CYS B 116 2.93 5.05 -22.51
C CYS B 116 3.88 5.41 -21.36
N VAL B 117 3.38 6.06 -20.33
CA VAL B 117 4.23 6.45 -19.19
C VAL B 117 3.80 5.70 -17.91
N ILE B 118 2.49 5.50 -17.75
CA ILE B 118 1.95 4.79 -16.61
C ILE B 118 0.92 3.80 -17.13
N ASP B 119 1.25 2.51 -16.99
CA ASP B 119 0.43 1.41 -17.45
C ASP B 119 -0.12 0.66 -16.24
N ASN B 120 -1.36 0.99 -15.85
CA ASN B 120 -2.00 0.35 -14.70
C ASN B 120 -3.28 -0.29 -15.16
N SER B 121 -3.17 -1.51 -15.65
CA SER B 121 -4.34 -2.23 -16.15
C SER B 121 -5.41 -2.52 -15.12
N TYR B 122 -5.18 -2.08 -13.89
CA TYR B 122 -6.13 -2.33 -12.78
C TYR B 122 -6.98 -1.12 -12.45
N GLY B 123 -6.52 0.06 -12.85
CA GLY B 123 -7.27 1.26 -12.56
C GLY B 123 -7.37 1.54 -11.08
N THR B 124 -8.50 2.08 -10.68
CA THR B 124 -8.77 2.41 -9.27
C THR B 124 -8.98 1.16 -8.43
N ASP B 125 -9.09 0.01 -9.08
CA ASP B 125 -9.27 -1.26 -8.37
C ASP B 125 -8.03 -1.52 -7.51
N LEU B 126 -6.92 -0.87 -7.87
CA LEU B 126 -5.68 -1.03 -7.14
C LEU B 126 -5.88 -0.67 -5.68
N ILE B 127 -6.78 0.28 -5.44
CA ILE B 127 -7.10 0.73 -4.09
C ILE B 127 -7.78 -0.37 -3.28
N GLY B 128 -8.93 -0.82 -3.77
CA GLY B 128 -9.70 -1.86 -3.12
C GLY B 128 -9.08 -3.23 -3.25
N MSE C 1 -3.78 -10.97 -0.99
CA MSE C 1 -3.89 -10.90 0.49
C MSE C 1 -2.90 -11.84 1.14
O MSE C 1 -1.71 -11.57 1.16
CB MSE C 1 -5.31 -11.27 0.90
CG MSE C 1 -5.90 -12.35 0.02
SE MSE C 1 -7.39 -13.21 0.87
CE MSE C 1 -6.46 -14.85 1.50
N GLU C 2 -3.41 -12.96 1.65
CA GLU C 2 -2.57 -13.96 2.30
C GLU C 2 -1.65 -14.60 1.29
N GLN C 3 -2.03 -14.52 0.02
CA GLN C 3 -1.22 -15.15 -1.03
C GLN C 3 -0.09 -14.29 -1.55
N GLN C 4 -0.39 -13.09 -2.02
CA GLN C 4 0.65 -12.24 -2.54
C GLN C 4 1.79 -12.13 -1.57
N LEU C 5 1.47 -12.10 -0.28
CA LEU C 5 2.52 -12.02 0.72
C LEU C 5 3.29 -13.32 0.71
N LYS C 6 2.55 -14.43 0.67
CA LYS C 6 3.18 -15.75 0.66
C LYS C 6 3.99 -15.92 -0.62
N ASP C 7 3.63 -15.17 -1.65
CA ASP C 7 4.32 -15.21 -2.94
C ASP C 7 5.58 -14.33 -2.88
N ILE C 8 5.53 -13.31 -2.03
CA ILE C 8 6.66 -12.40 -1.84
C ILE C 8 7.70 -13.09 -1.00
N ILE C 9 7.24 -13.93 -0.08
CA ILE C 9 8.17 -14.64 0.77
C ILE C 9 9.00 -15.56 -0.12
N SER C 10 8.31 -16.37 -0.93
CA SER C 10 8.94 -17.31 -1.83
C SER C 10 9.82 -16.59 -2.82
N ALA C 11 9.31 -15.47 -3.33
CA ALA C 11 10.08 -14.69 -4.28
C ALA C 11 11.43 -14.34 -3.65
N CYS C 12 11.41 -13.93 -2.38
CA CYS C 12 12.64 -13.56 -1.67
C CYS C 12 13.49 -14.78 -1.36
N ASP C 13 12.83 -15.82 -0.88
CA ASP C 13 13.47 -17.09 -0.55
C ASP C 13 14.28 -17.57 -1.76
N LEU C 14 13.74 -17.35 -2.95
CA LEU C 14 14.41 -17.75 -4.18
C LEU C 14 15.50 -16.76 -4.54
N ALA C 15 15.21 -15.47 -4.42
CA ALA C 15 16.19 -14.44 -4.74
C ALA C 15 17.44 -14.67 -3.91
N ILE C 16 17.28 -15.37 -2.79
CA ILE C 16 18.39 -15.67 -1.89
C ILE C 16 19.16 -16.89 -2.38
N GLN C 17 18.45 -17.89 -2.90
CA GLN C 17 19.12 -19.08 -3.40
C GLN C 17 19.94 -18.73 -4.63
N ASN C 18 19.37 -17.88 -5.49
CA ASN C 18 20.07 -17.45 -6.70
C ASN C 18 21.11 -16.39 -6.37
N GLU C 19 21.35 -16.16 -5.08
CA GLU C 19 22.32 -15.18 -4.61
C GLU C 19 22.26 -13.85 -5.39
N ASP C 20 21.06 -13.40 -5.74
CA ASP C 20 20.91 -12.13 -6.46
C ASP C 20 20.21 -11.16 -5.52
N PHE C 21 20.92 -10.81 -4.45
CA PHE C 21 20.42 -9.91 -3.42
C PHE C 21 20.05 -8.55 -3.99
N ASP C 22 20.47 -8.29 -5.21
CA ASP C 22 20.18 -7.04 -5.85
C ASP C 22 18.66 -6.92 -6.12
N THR C 23 18.02 -8.05 -6.39
CA THR C 23 16.58 -8.07 -6.64
C THR C 23 15.83 -8.33 -5.34
N LEU C 24 16.53 -8.89 -4.37
CA LEU C 24 15.95 -9.20 -3.06
C LEU C 24 15.69 -7.95 -2.25
N MSE C 25 16.52 -6.94 -2.43
CA MSE C 25 16.37 -5.68 -1.69
C MSE C 25 15.22 -4.83 -2.17
O MSE C 25 14.96 -3.77 -1.61
CB MSE C 25 17.66 -4.87 -1.75
CG MSE C 25 18.86 -5.58 -1.17
SE MSE C 25 18.45 -6.43 0.52
CE MSE C 25 18.13 -4.82 1.58
N ASN C 26 14.55 -5.28 -3.22
CA ASN C 26 13.42 -4.54 -3.77
C ASN C 26 12.17 -4.86 -2.95
N TYR C 27 12.28 -5.91 -2.13
CA TYR C 27 11.17 -6.36 -1.28
C TYR C 27 11.26 -5.77 0.13
N TYR C 28 12.37 -5.14 0.44
CA TYR C 28 12.59 -4.53 1.75
C TYR C 28 12.37 -3.03 1.71
N SER C 29 12.03 -2.45 2.86
CA SER C 29 11.82 -1.00 2.94
C SER C 29 13.22 -0.41 3.10
N GLU C 30 13.33 0.92 3.06
CA GLU C 30 14.64 1.51 3.17
C GLU C 30 15.18 1.47 4.58
N ASP C 31 14.32 1.68 5.57
CA ASP C 31 14.73 1.68 6.97
C ASP C 31 14.39 0.38 7.70
N ALA C 32 14.21 -0.69 6.92
CA ALA C 32 13.88 -2.01 7.44
C ALA C 32 14.91 -2.55 8.44
N VAL C 33 14.51 -3.57 9.19
CA VAL C 33 15.40 -4.20 10.16
C VAL C 33 15.27 -5.69 9.94
N LEU C 34 16.41 -6.39 9.97
CA LEU C 34 16.42 -7.83 9.76
C LEU C 34 17.18 -8.49 10.88
N VAL C 35 16.56 -9.48 11.50
CA VAL C 35 17.22 -10.21 12.58
C VAL C 35 17.97 -11.37 11.92
N VAL C 36 19.29 -11.28 11.90
CA VAL C 36 20.11 -12.32 11.28
C VAL C 36 20.14 -13.55 12.18
N LYS C 37 20.41 -13.30 13.46
CA LYS C 37 20.49 -14.32 14.49
C LYS C 37 20.36 -13.56 15.81
N PRO C 38 19.95 -14.25 16.88
CA PRO C 38 19.81 -13.59 18.18
C PRO C 38 20.96 -12.63 18.52
N GLY C 39 20.59 -11.42 18.94
CA GLY C 39 21.57 -10.41 19.31
C GLY C 39 22.39 -10.01 18.12
N MSE C 40 21.70 -9.73 17.02
CA MSE C 40 22.38 -9.38 15.78
C MSE C 40 21.34 -8.90 14.78
O MSE C 40 20.68 -9.70 14.13
CB MSE C 40 23.08 -10.62 15.24
CG MSE C 40 23.32 -10.64 13.74
SE MSE C 40 25.16 -10.47 13.23
CE MSE C 40 25.92 -12.00 14.14
N ILE C 41 21.21 -7.59 14.64
CA ILE C 41 20.24 -7.08 13.70
C ILE C 41 20.90 -6.17 12.68
N ALA C 42 20.34 -6.13 11.48
CA ALA C 42 20.85 -5.30 10.41
C ALA C 42 19.80 -4.23 10.11
N ARG C 43 20.21 -2.98 10.04
CA ARG C 43 19.29 -1.88 9.76
C ARG C 43 19.62 -1.17 8.47
N GLY C 44 18.59 -0.91 7.66
CA GLY C 44 18.82 -0.22 6.40
C GLY C 44 19.06 -1.20 5.29
N LYS C 45 18.65 -0.84 4.08
CA LYS C 45 18.83 -1.75 2.94
C LYS C 45 20.27 -2.18 2.77
N GLU C 46 21.20 -1.27 3.01
CA GLU C 46 22.61 -1.60 2.83
C GLU C 46 23.09 -2.66 3.82
N GLU C 47 22.94 -2.38 5.10
CA GLU C 47 23.37 -3.33 6.12
C GLU C 47 22.72 -4.70 5.94
N ILE C 48 21.44 -4.70 5.53
CA ILE C 48 20.71 -5.95 5.33
C ILE C 48 21.24 -6.71 4.13
N LYS C 49 21.62 -5.97 3.11
CA LYS C 49 22.17 -6.60 1.91
C LYS C 49 23.45 -7.32 2.29
N LYS C 50 24.33 -6.62 3.01
CA LYS C 50 25.58 -7.22 3.43
C LYS C 50 25.33 -8.47 4.26
N ALA C 51 24.39 -8.38 5.20
CA ALA C 51 24.08 -9.52 6.06
C ALA C 51 23.78 -10.77 5.26
N PHE C 52 22.94 -10.66 4.24
CA PHE C 52 22.59 -11.80 3.41
C PHE C 52 23.79 -12.32 2.63
N ILE C 53 24.57 -11.39 2.09
CA ILE C 53 25.74 -11.78 1.34
C ILE C 53 26.68 -12.57 2.26
N THR C 54 26.87 -12.09 3.49
CA THR C 54 27.74 -12.76 4.46
C THR C 54 27.24 -14.16 4.79
N ILE C 55 26.01 -14.24 5.31
CA ILE C 55 25.44 -15.52 5.68
C ILE C 55 24.95 -16.29 4.46
N ALA C 56 25.50 -15.96 3.29
CA ALA C 56 25.10 -16.64 2.06
C ALA C 56 25.36 -18.14 2.04
N ASN C 57 26.57 -18.60 2.39
CA ASN C 57 26.77 -20.05 2.36
C ASN C 57 26.53 -20.63 3.73
N TYR C 58 25.29 -20.85 4.10
CA TYR C 58 25.05 -21.40 5.42
C TYR C 58 23.84 -22.30 5.52
N PHE C 59 23.77 -23.30 4.66
CA PHE C 59 22.63 -24.21 4.72
C PHE C 59 22.98 -25.28 5.74
N ASN C 60 21.99 -25.78 6.46
CA ASN C 60 22.23 -26.83 7.46
C ASN C 60 21.94 -28.22 6.87
N HIS C 61 23.01 -28.98 6.60
CA HIS C 61 22.93 -30.33 6.02
C HIS C 61 21.77 -31.16 6.58
N HIS C 62 21.11 -31.86 5.66
CA HIS C 62 19.96 -32.73 5.93
C HIS C 62 18.82 -32.01 6.68
N ILE C 63 18.25 -31.01 6.02
CA ILE C 63 17.13 -30.25 6.58
C ILE C 63 16.46 -29.52 5.42
N VAL C 64 15.15 -29.70 5.32
CA VAL C 64 14.36 -29.08 4.26
C VAL C 64 13.01 -28.57 4.84
N PRO C 65 12.87 -27.23 4.99
CA PRO C 65 11.65 -26.62 5.51
C PRO C 65 10.44 -26.84 4.62
N THR C 66 9.28 -26.39 5.08
CA THR C 66 8.00 -26.50 4.38
C THR C 66 7.06 -25.42 4.91
N GLN C 67 6.49 -24.60 4.01
CA GLN C 67 5.56 -23.55 4.41
C GLN C 67 4.38 -24.17 5.15
N GLY C 68 3.99 -23.55 6.26
CA GLY C 68 2.88 -24.06 7.04
C GLY C 68 1.82 -23.00 7.27
N LYS C 69 1.09 -23.16 8.36
CA LYS C 69 0.01 -22.24 8.72
C LYS C 69 0.53 -20.81 8.73
N MSE C 70 -0.29 -19.88 8.23
CA MSE C 70 0.13 -18.50 8.22
C MSE C 70 -1.01 -17.54 8.50
O MSE C 70 -1.95 -17.45 7.73
CB MSE C 70 0.73 -18.14 6.88
CG MSE C 70 1.19 -16.73 6.84
SE MSE C 70 1.65 -16.06 5.12
CE MSE C 70 3.26 -17.11 4.81
N ILE C 71 -0.91 -16.79 9.60
CA ILE C 71 -1.97 -15.86 9.95
C ILE C 71 -1.56 -14.45 9.58
N LEU C 72 -2.53 -13.65 9.14
CA LEU C 72 -2.25 -12.26 8.78
C LEU C 72 -3.11 -11.30 9.56
N LEU C 73 -2.46 -10.37 10.24
CA LEU C 73 -3.19 -9.36 11.01
C LEU C 73 -2.94 -8.04 10.32
N GLU C 74 -3.88 -7.64 9.47
CA GLU C 74 -3.76 -6.40 8.71
C GLU C 74 -4.43 -5.23 9.43
N ALA C 75 -3.72 -4.11 9.51
CA ALA C 75 -4.28 -2.94 10.15
C ALA C 75 -4.09 -1.74 9.22
N GLY C 76 -4.77 -1.82 8.08
CA GLY C 76 -4.70 -0.77 7.08
C GLY C 76 -3.32 -0.61 6.46
N ASP C 77 -2.58 0.36 6.98
CA ASP C 77 -1.24 0.69 6.49
C ASP C 77 -0.25 -0.47 6.62
N THR C 78 -0.18 -1.09 7.81
CA THR C 78 0.77 -2.17 8.05
C THR C 78 0.09 -3.54 8.20
N VAL C 79 0.89 -4.60 8.25
CA VAL C 79 0.37 -5.99 8.37
C VAL C 79 1.31 -6.88 9.18
N LEU C 80 0.80 -7.55 10.22
CA LEU C 80 1.65 -8.45 10.99
C LEU C 80 1.44 -9.89 10.54
N VAL C 81 2.49 -10.49 9.98
CA VAL C 81 2.42 -11.86 9.47
C VAL C 81 3.00 -12.88 10.43
N LEU C 82 2.20 -13.91 10.75
CA LEU C 82 2.67 -14.99 11.64
C LEU C 82 2.80 -16.24 10.79
N SER C 83 3.98 -16.42 10.22
CA SER C 83 4.27 -17.56 9.35
C SER C 83 4.91 -18.75 10.07
N GLN C 84 4.26 -19.90 9.98
CA GLN C 84 4.80 -21.09 10.58
C GLN C 84 5.54 -21.86 9.50
N THR C 85 6.74 -22.31 9.83
CA THR C 85 7.57 -23.05 8.89
C THR C 85 7.83 -24.43 9.48
N LEU C 86 7.53 -25.47 8.71
CA LEU C 86 7.72 -26.85 9.16
C LEU C 86 9.10 -27.35 8.77
N LEU C 87 9.73 -28.08 9.67
CA LEU C 87 11.07 -28.63 9.44
C LEU C 87 11.05 -29.98 8.71
N ASP C 88 10.15 -30.88 9.11
CA ASP C 88 10.05 -32.21 8.48
C ASP C 88 8.75 -32.40 7.69
N MSE C 98 8.50 -30.29 14.89
CA MSE C 98 9.53 -29.36 14.45
C MSE C 98 8.97 -28.23 13.59
O MSE C 98 8.64 -28.40 12.42
CB MSE C 98 10.60 -30.10 13.66
CG MSE C 98 11.32 -31.18 14.47
SE MSE C 98 11.98 -30.47 16.17
CE MSE C 98 11.22 -31.77 17.40
N GLU C 99 8.87 -27.04 14.19
CA GLU C 99 8.34 -25.88 13.49
C GLU C 99 9.02 -24.59 13.90
N ARG C 100 8.83 -23.55 13.08
CA ARG C 100 9.43 -22.25 13.34
C ARG C 100 8.42 -21.15 13.04
N ARG C 101 7.87 -20.57 14.11
CA ARG C 101 6.88 -19.52 13.99
C ARG C 101 7.52 -18.12 14.00
N ALA C 102 7.55 -17.49 12.83
CA ALA C 102 8.13 -16.18 12.68
C ALA C 102 7.11 -15.06 12.64
N THR C 103 7.60 -13.83 12.80
CA THR C 103 6.74 -12.65 12.79
C THR C 103 7.32 -11.60 11.84
N TYR C 104 6.62 -11.33 10.76
CA TYR C 104 7.11 -10.36 9.80
C TYR C 104 6.16 -9.19 9.78
N VAL C 105 6.67 -8.01 9.46
CA VAL C 105 5.82 -6.83 9.41
C VAL C 105 6.04 -6.13 8.07
N PHE C 106 5.00 -6.04 7.27
CA PHE C 106 5.08 -5.38 5.99
C PHE C 106 4.26 -4.10 6.02
N LYS C 107 4.69 -3.12 5.22
CA LYS C 107 4.00 -1.83 5.13
C LYS C 107 3.78 -1.53 3.65
N LYS C 108 2.54 -1.27 3.28
CA LYS C 108 2.20 -0.96 1.89
C LYS C 108 2.55 0.50 1.59
N ASN C 109 3.48 0.71 0.67
CA ASN C 109 3.90 2.07 0.30
C ASN C 109 2.86 2.72 -0.61
N ALA C 110 3.14 3.93 -1.09
CA ALA C 110 2.22 4.63 -1.97
C ALA C 110 1.91 3.83 -3.24
N GLN C 111 2.95 3.23 -3.82
CA GLN C 111 2.83 2.43 -5.03
C GLN C 111 1.90 1.24 -4.85
N GLY C 112 1.54 0.93 -3.62
CA GLY C 112 0.65 -0.20 -3.39
C GLY C 112 1.36 -1.53 -3.22
N GLU C 113 2.68 -1.50 -3.18
CA GLU C 113 3.47 -2.71 -3.01
C GLU C 113 3.91 -2.91 -1.58
N TRP C 114 3.61 -4.07 -1.01
CA TRP C 114 3.97 -4.36 0.38
C TRP C 114 5.46 -4.65 0.56
N LEU C 115 6.13 -3.81 1.32
CA LEU C 115 7.54 -4.00 1.57
C LEU C 115 7.71 -4.55 2.97
N CYS C 116 8.87 -5.12 3.25
CA CYS C 116 9.12 -5.65 4.58
C CYS C 116 9.79 -4.58 5.43
N VAL C 117 9.34 -4.41 6.66
CA VAL C 117 9.90 -3.39 7.55
C VAL C 117 10.61 -4.03 8.74
N ILE C 118 10.03 -5.12 9.23
CA ILE C 118 10.61 -5.85 10.35
C ILE C 118 10.58 -7.35 10.00
N ASP C 119 11.78 -7.90 9.83
CA ASP C 119 11.97 -9.29 9.49
C ASP C 119 12.60 -10.02 10.69
N ASN C 120 11.76 -10.69 11.46
CA ASN C 120 12.23 -11.44 12.61
C ASN C 120 11.81 -12.90 12.44
N SER C 121 12.62 -13.67 11.75
CA SER C 121 12.29 -15.07 11.51
C SER C 121 12.22 -15.94 12.76
N TYR C 122 12.40 -15.33 13.92
CA TYR C 122 12.36 -16.05 15.19
C TYR C 122 11.06 -15.86 15.95
N GLY C 123 10.33 -14.81 15.62
CA GLY C 123 9.08 -14.58 16.31
C GLY C 123 9.28 -14.29 17.79
N THR C 124 8.33 -14.73 18.60
CA THR C 124 8.40 -14.53 20.05
C THR C 124 9.48 -15.39 20.70
N ASP C 125 10.06 -16.31 19.94
CA ASP C 125 11.12 -17.18 20.44
C ASP C 125 12.31 -16.32 20.84
N LEU C 126 12.37 -15.12 20.28
CA LEU C 126 13.48 -14.21 20.58
C LEU C 126 13.54 -13.94 22.08
N ILE C 127 12.38 -13.97 22.72
CA ILE C 127 12.29 -13.74 24.16
C ILE C 127 12.98 -14.87 24.91
N GLY C 128 12.48 -16.07 24.73
CA GLY C 128 13.05 -17.22 25.41
C GLY C 128 14.40 -17.67 24.90
N MSE D 1 11.29 4.99 25.23
CA MSE D 1 11.61 3.85 24.30
C MSE D 1 10.92 2.58 24.78
O MSE D 1 9.71 2.42 24.63
CB MSE D 1 13.11 3.63 24.28
CG MSE D 1 13.77 3.84 25.64
SE MSE D 1 15.49 3.00 25.79
CE MSE D 1 14.98 1.42 26.79
N GLU D 2 11.70 1.67 25.35
CA GLU D 2 11.18 0.42 25.87
C GLU D 2 10.28 0.68 27.05
N GLN D 3 10.44 1.84 27.69
CA GLN D 3 9.64 2.16 28.86
C GLN D 3 8.30 2.79 28.55
N GLN D 4 8.31 3.89 27.81
CA GLN D 4 7.05 4.55 27.50
C GLN D 4 6.05 3.58 26.92
N LEU D 5 6.53 2.62 26.15
CA LEU D 5 5.63 1.64 25.58
C LEU D 5 5.13 0.77 26.73
N LYS D 6 6.07 0.33 27.57
CA LYS D 6 5.72 -0.51 28.71
C LYS D 6 4.77 0.25 29.65
N ASP D 7 4.84 1.58 29.59
CA ASP D 7 3.98 2.45 30.42
C ASP D 7 2.60 2.61 29.77
N ILE D 8 2.57 2.49 28.45
CA ILE D 8 1.32 2.58 27.70
C ILE D 8 0.55 1.26 27.86
N ILE D 9 1.29 0.16 27.96
CA ILE D 9 0.66 -1.12 28.13
C ILE D 9 -0.10 -1.07 29.45
N SER D 10 0.62 -0.71 30.52
CA SER D 10 0.06 -0.63 31.87
C SER D 10 -1.09 0.37 31.92
N ALA D 11 -0.89 1.51 31.26
CA ALA D 11 -1.91 2.53 31.23
C ALA D 11 -3.19 1.90 30.70
N CYS D 12 -3.08 1.12 29.61
CA CYS D 12 -4.24 0.45 29.03
C CYS D 12 -4.80 -0.65 29.91
N ASP D 13 -3.88 -1.46 30.43
CA ASP D 13 -4.20 -2.57 31.31
C ASP D 13 -5.05 -2.05 32.48
N LEU D 14 -4.75 -0.83 32.93
CA LEU D 14 -5.48 -0.22 34.02
C LEU D 14 -6.80 0.36 33.49
N ALA D 15 -6.74 1.03 32.33
CA ALA D 15 -7.92 1.62 31.73
C ALA D 15 -8.98 0.56 31.54
N ILE D 16 -8.54 -0.70 31.47
CA ILE D 16 -9.45 -1.83 31.30
C ILE D 16 -10.03 -2.28 32.63
N GLN D 17 -9.23 -2.25 33.68
CA GLN D 17 -9.72 -2.64 35.01
C GLN D 17 -10.75 -1.63 35.50
N ASN D 18 -10.50 -0.34 35.24
CA ASN D 18 -11.42 0.72 35.65
C ASN D 18 -12.59 0.79 34.67
N GLU D 19 -12.66 -0.18 33.77
CA GLU D 19 -13.72 -0.24 32.77
C GLU D 19 -14.04 1.11 32.14
N ASP D 20 -13.00 1.90 31.89
CA ASP D 20 -13.19 3.20 31.24
C ASP D 20 -12.55 3.13 29.85
N PHE D 21 -13.17 2.29 29.01
CA PHE D 21 -12.71 2.07 27.64
C PHE D 21 -12.71 3.37 26.82
N ASP D 22 -13.33 4.40 27.35
CA ASP D 22 -13.39 5.68 26.67
C ASP D 22 -11.99 6.29 26.62
N THR D 23 -11.18 6.05 27.65
CA THR D 23 -9.81 6.58 27.69
C THR D 23 -8.84 5.55 27.10
N LEU D 24 -9.27 4.30 27.06
CA LEU D 24 -8.47 3.21 26.51
C LEU D 24 -8.34 3.30 25.00
N MSE D 25 -9.39 3.81 24.34
CA MSE D 25 -9.37 3.93 22.89
C MSE D 25 -8.49 5.06 22.38
O MSE D 25 -8.38 5.27 21.18
CB MSE D 25 -10.79 4.12 22.37
CG MSE D 25 -11.71 2.98 22.71
SE MSE D 25 -10.89 1.24 22.38
CE MSE D 25 -10.79 1.34 20.45
N ASN D 26 -7.89 5.80 23.30
CA ASN D 26 -7.01 6.90 22.93
C ASN D 26 -5.63 6.35 22.64
N TYR D 27 -5.41 5.09 23.01
CA TYR D 27 -4.14 4.43 22.80
C TYR D 27 -4.13 3.59 21.51
N TYR D 28 -5.30 3.43 20.91
CA TYR D 28 -5.44 2.65 19.69
C TYR D 28 -5.52 3.54 18.47
N SER D 29 -5.13 3.02 17.30
CA SER D 29 -5.20 3.80 16.08
C SER D 29 -6.65 3.69 15.62
N GLU D 30 -7.01 4.41 14.57
CA GLU D 30 -8.39 4.34 14.11
C GLU D 30 -8.73 3.06 13.36
N ASP D 31 -7.79 2.56 12.57
CA ASP D 31 -7.99 1.33 11.78
C ASP D 31 -7.30 0.11 12.40
N ALA D 32 -7.05 0.19 13.71
CA ALA D 32 -6.38 -0.87 14.45
C ALA D 32 -7.13 -2.20 14.40
N VAL D 33 -6.46 -3.27 14.78
CA VAL D 33 -7.06 -4.60 14.81
C VAL D 33 -6.68 -5.21 16.14
N LEU D 34 -7.63 -5.87 16.78
CA LEU D 34 -7.39 -6.49 18.07
C LEU D 34 -7.85 -7.94 18.02
N VAL D 35 -6.97 -8.83 18.43
CA VAL D 35 -7.31 -10.24 18.45
C VAL D 35 -7.91 -10.50 19.83
N VAL D 36 -9.22 -10.73 19.89
CA VAL D 36 -9.91 -11.00 21.16
C VAL D 36 -9.59 -12.40 21.63
N LYS D 37 -9.71 -13.34 20.70
CA LYS D 37 -9.47 -14.77 20.93
C LYS D 37 -9.30 -15.39 19.56
N PRO D 38 -8.63 -16.56 19.47
CA PRO D 38 -8.42 -17.23 18.19
C PRO D 38 -9.66 -17.23 17.30
N GLY D 39 -9.48 -16.84 16.04
CA GLY D 39 -10.57 -16.79 15.08
C GLY D 39 -11.61 -15.78 15.50
N MSE D 40 -11.14 -14.58 15.86
CA MSE D 40 -12.03 -13.53 16.33
C MSE D 40 -11.27 -12.24 16.43
O MSE D 40 -10.53 -12.02 17.39
CB MSE D 40 -12.56 -13.94 17.71
CG MSE D 40 -13.02 -12.79 18.60
SE MSE D 40 -14.92 -12.69 18.87
CE MSE D 40 -15.24 -14.45 19.64
N ILE D 41 -11.42 -11.38 15.43
CA ILE D 41 -10.71 -10.12 15.49
C ILE D 41 -11.67 -8.95 15.38
N ALA D 42 -11.30 -7.84 15.99
CA ALA D 42 -12.11 -6.63 15.97
C ALA D 42 -11.34 -5.57 15.19
N ARG D 43 -12.01 -4.91 14.24
CA ARG D 43 -11.36 -3.89 13.41
C ARG D 43 -11.99 -2.51 13.60
N GLY D 44 -11.15 -1.49 13.75
CA GLY D 44 -11.67 -0.15 13.94
C GLY D 44 -11.86 0.16 15.42
N LYS D 45 -11.71 1.43 15.79
CA LYS D 45 -11.87 1.81 17.19
C LYS D 45 -13.20 1.37 17.77
N GLU D 46 -14.26 1.48 16.98
CA GLU D 46 -15.59 1.11 17.46
C GLU D 46 -15.72 -0.37 17.79
N GLU D 47 -15.44 -1.23 16.80
CA GLU D 47 -15.53 -2.68 17.03
C GLU D 47 -14.68 -3.15 18.19
N ILE D 48 -13.50 -2.53 18.36
CA ILE D 48 -12.55 -2.89 19.42
C ILE D 48 -13.10 -2.45 20.76
N LYS D 49 -13.75 -1.29 20.79
CA LYS D 49 -14.32 -0.79 22.02
C LYS D 49 -15.38 -1.79 22.49
N LYS D 50 -16.27 -2.18 21.59
CA LYS D 50 -17.31 -3.13 21.91
C LYS D 50 -16.73 -4.43 22.43
N ALA D 51 -15.71 -4.95 21.76
CA ALA D 51 -15.08 -6.20 22.16
C ALA D 51 -14.63 -6.17 23.62
N PHE D 52 -13.98 -5.08 24.04
CA PHE D 52 -13.53 -4.94 25.43
C PHE D 52 -14.69 -4.86 26.38
N ILE D 53 -15.71 -4.11 26.00
CA ILE D 53 -16.88 -3.97 26.84
C ILE D 53 -17.50 -5.35 27.01
N THR D 54 -17.59 -6.12 25.93
CA THR D 54 -18.18 -7.47 25.99
C THR D 54 -17.38 -8.38 26.91
N ILE D 55 -16.10 -8.58 26.58
CA ILE D 55 -15.25 -9.44 27.37
C ILE D 55 -14.80 -8.78 28.68
N ALA D 56 -15.53 -7.76 29.10
CA ALA D 56 -15.20 -7.03 30.33
C ALA D 56 -15.25 -7.94 31.55
N ASN D 57 -16.32 -8.72 31.62
CA ASN D 57 -16.55 -9.63 32.74
C ASN D 57 -16.36 -11.11 32.39
N TYR D 58 -16.40 -11.43 31.10
CA TYR D 58 -16.23 -12.81 30.71
C TYR D 58 -14.75 -13.15 30.61
N PHE D 59 -13.93 -12.38 31.34
CA PHE D 59 -12.48 -12.55 31.39
C PHE D 59 -12.03 -12.26 32.82
N ASN D 60 -11.40 -13.23 33.47
CA ASN D 60 -10.94 -13.02 34.84
C ASN D 60 -9.58 -12.36 34.86
N HIS D 61 -9.55 -11.04 34.74
CA HIS D 61 -8.28 -10.32 34.76
C HIS D 61 -7.80 -10.33 36.21
N HIS D 62 -7.23 -9.21 36.66
CA HIS D 62 -6.75 -9.10 38.04
C HIS D 62 -5.93 -10.35 38.42
N ILE D 63 -5.09 -10.80 37.50
CA ILE D 63 -4.25 -11.98 37.71
C ILE D 63 -2.79 -11.57 37.91
N VAL D 64 -2.58 -10.34 38.40
CA VAL D 64 -1.23 -9.81 38.62
C VAL D 64 -0.24 -10.36 37.59
N PRO D 65 -0.56 -10.18 36.30
CA PRO D 65 0.35 -10.67 35.26
C PRO D 65 1.71 -10.00 35.50
N THR D 66 2.78 -10.78 35.67
CA THR D 66 4.06 -10.13 35.93
C THR D 66 4.81 -9.80 34.64
N GLN D 67 5.09 -8.52 34.42
CA GLN D 67 5.81 -8.09 33.23
C GLN D 67 7.17 -8.80 33.18
N GLY D 68 7.53 -9.29 32.00
CA GLY D 68 8.79 -9.98 31.84
C GLY D 68 9.61 -9.38 30.73
N LYS D 69 10.50 -10.20 30.17
CA LYS D 69 11.37 -9.78 29.08
C LYS D 69 10.55 -9.13 27.97
N MSE D 70 11.10 -8.08 27.36
CA MSE D 70 10.39 -7.41 26.29
C MSE D 70 11.33 -6.90 25.22
O MSE D 70 12.19 -6.07 25.49
CB MSE D 70 9.59 -6.23 26.82
CG MSE D 70 8.83 -5.52 25.73
SE MSE D 70 8.07 -3.82 26.24
CE MSE D 70 6.70 -4.47 27.46
N ILE D 71 11.19 -7.42 24.00
CA ILE D 71 12.05 -6.98 22.92
C ILE D 71 11.32 -5.99 22.01
N LEU D 72 12.06 -5.02 21.48
CA LEU D 72 11.45 -4.04 20.60
C LEU D 72 12.17 -3.99 19.26
N LEU D 73 11.42 -4.18 18.19
CA LEU D 73 12.00 -4.10 16.86
C LEU D 73 11.39 -2.87 16.22
N GLU D 74 12.14 -1.78 16.21
CA GLU D 74 11.69 -0.52 15.65
C GLU D 74 12.19 -0.34 14.23
N ALA D 75 11.27 0.02 13.34
CA ALA D 75 11.62 0.24 11.95
C ALA D 75 11.08 1.60 11.53
N GLY D 76 11.65 2.65 12.13
CA GLY D 76 11.24 4.01 11.85
C GLY D 76 9.80 4.31 12.22
N ASP D 77 8.93 4.26 11.22
CA ASP D 77 7.52 4.55 11.41
C ASP D 77 6.78 3.64 12.40
N THR D 78 6.96 2.33 12.26
CA THR D 78 6.29 1.36 13.13
C THR D 78 7.27 0.67 14.10
N VAL D 79 6.72 -0.12 15.03
CA VAL D 79 7.50 -0.85 16.05
C VAL D 79 6.88 -2.19 16.43
N LEU D 80 7.63 -3.28 16.33
CA LEU D 80 7.10 -4.59 16.72
C LEU D 80 7.54 -4.91 18.14
N VAL D 81 6.56 -5.03 19.04
CA VAL D 81 6.89 -5.35 20.43
C VAL D 81 6.66 -6.82 20.80
N LEU D 82 7.68 -7.45 21.36
CA LEU D 82 7.57 -8.84 21.80
C LEU D 82 7.60 -8.85 23.31
N SER D 83 6.43 -8.68 23.92
CA SER D 83 6.29 -8.65 25.39
C SER D 83 6.00 -10.00 26.03
N GLN D 84 6.87 -10.40 26.95
CA GLN D 84 6.65 -11.65 27.66
C GLN D 84 5.98 -11.33 28.98
N THR D 85 4.96 -12.11 29.31
CA THR D 85 4.21 -11.91 30.54
C THR D 85 4.32 -13.19 31.34
N LEU D 86 4.75 -13.07 32.58
CA LEU D 86 4.89 -14.22 33.48
C LEU D 86 3.63 -14.42 34.29
N LEU D 87 3.26 -15.69 34.47
CA LEU D 87 2.05 -16.06 35.21
C LEU D 87 2.27 -16.18 36.72
N ASP D 88 3.38 -16.79 37.12
CA ASP D 88 3.69 -16.97 38.54
C ASP D 88 4.91 -16.16 38.99
N MSE D 98 5.48 -20.91 33.14
CA MSE D 98 4.24 -20.27 32.74
C MSE D 98 4.45 -18.84 32.24
O MSE D 98 4.68 -17.92 33.03
CB MSE D 98 3.26 -20.24 33.91
CG MSE D 98 2.85 -21.62 34.44
SE MSE D 98 2.14 -22.82 33.04
CE MSE D 98 3.38 -24.30 33.27
N GLU D 99 4.35 -18.66 30.93
CA GLU D 99 4.55 -17.33 30.33
C GLU D 99 3.68 -17.12 29.10
N ARG D 100 3.53 -15.86 28.73
CA ARG D 100 2.72 -15.49 27.59
C ARG D 100 3.42 -14.46 26.73
N ARG D 101 3.96 -14.92 25.59
CA ARG D 101 4.68 -14.05 24.67
C ARG D 101 3.77 -13.45 23.59
N ALA D 102 3.48 -12.16 23.75
CA ALA D 102 2.62 -11.43 22.83
C ALA D 102 3.36 -10.60 21.83
N THR D 103 2.65 -10.18 20.80
CA THR D 103 3.22 -9.36 19.73
C THR D 103 2.31 -8.17 19.47
N TYR D 104 2.80 -6.99 19.78
CA TYR D 104 2.03 -5.77 19.57
C TYR D 104 2.73 -4.95 18.49
N VAL D 105 1.96 -4.14 17.78
CA VAL D 105 2.55 -3.29 16.76
C VAL D 105 2.05 -1.88 16.96
N PHE D 106 2.98 -0.97 17.23
CA PHE D 106 2.62 0.44 17.41
C PHE D 106 3.14 1.27 16.26
N LYS D 107 2.42 2.35 15.95
CA LYS D 107 2.80 3.27 14.87
C LYS D 107 2.78 4.69 15.43
N LYS D 108 3.91 5.39 15.31
CA LYS D 108 4.03 6.75 15.79
C LYS D 108 3.36 7.70 14.80
N ASN D 109 2.29 8.37 15.23
CA ASN D 109 1.56 9.32 14.38
C ASN D 109 2.35 10.64 14.26
N ALA D 110 1.77 11.61 13.56
CA ALA D 110 2.42 12.90 13.38
C ALA D 110 2.76 13.56 14.71
N GLN D 111 1.81 13.52 15.65
CA GLN D 111 1.97 14.11 16.98
C GLN D 111 3.16 13.52 17.76
N GLY D 112 3.70 12.41 17.26
CA GLY D 112 4.83 11.80 17.94
C GLY D 112 4.44 10.82 19.04
N GLU D 113 3.15 10.52 19.14
CA GLU D 113 2.67 9.57 20.14
C GLU D 113 2.43 8.20 19.52
N TRP D 114 3.00 7.17 20.13
CA TRP D 114 2.85 5.81 19.63
C TRP D 114 1.48 5.21 19.93
N LEU D 115 0.72 4.89 18.88
CA LEU D 115 -0.58 4.31 19.08
C LEU D 115 -0.49 2.83 18.76
N CYS D 116 -1.45 2.05 19.21
CA CYS D 116 -1.43 0.62 18.91
C CYS D 116 -2.23 0.37 17.63
N VAL D 117 -1.69 -0.46 16.74
CA VAL D 117 -2.37 -0.76 15.48
C VAL D 117 -2.79 -2.23 15.42
N ILE D 118 -1.95 -3.09 15.95
CA ILE D 118 -2.22 -4.52 16.00
C ILE D 118 -1.90 -5.01 17.39
N ASP D 119 -2.95 -5.44 18.09
CA ASP D 119 -2.89 -5.94 19.45
C ASP D 119 -3.23 -7.42 19.46
N ASN D 120 -2.18 -8.25 19.43
CA ASN D 120 -2.35 -9.69 19.44
C ASN D 120 -1.65 -10.25 20.67
N SER D 121 -2.35 -10.26 21.80
CA SER D 121 -1.77 -10.74 23.05
C SER D 121 -1.40 -12.23 23.04
N TYR D 122 -1.60 -12.89 21.90
CA TYR D 122 -1.29 -14.31 21.76
C TYR D 122 0.02 -14.56 21.04
N GLY D 123 0.48 -13.58 20.27
CA GLY D 123 1.71 -13.74 19.54
C GLY D 123 1.61 -14.87 18.52
N THR D 124 2.71 -15.57 18.30
CA THR D 124 2.78 -16.66 17.36
C THR D 124 1.99 -17.89 17.83
N ASP D 125 1.50 -17.85 19.07
CA ASP D 125 0.73 -18.96 19.61
C ASP D 125 -0.57 -19.08 18.83
N LEU D 126 -0.97 -17.98 18.20
CA LEU D 126 -2.19 -17.96 17.40
C LEU D 126 -2.14 -19.08 16.35
N ILE D 127 -0.95 -19.36 15.83
CA ILE D 127 -0.75 -20.40 14.83
C ILE D 127 -1.10 -21.76 15.40
N GLY D 128 -0.39 -22.15 16.46
CA GLY D 128 -0.58 -23.44 17.10
C GLY D 128 -1.85 -23.53 17.92
O1 MES E . -6.28 17.81 -7.52
C2 MES E . -7.14 16.87 -6.82
C3 MES E . -8.65 17.23 -7.06
N4 MES E . -8.87 18.63 -6.64
C5 MES E . -7.96 19.61 -7.39
C6 MES E . -6.48 19.21 -7.12
C7 MES E . -10.30 18.97 -6.87
C8 MES E . -11.17 18.79 -5.62
S MES E . -12.67 17.98 -6.12
O1S MES E . -12.40 16.31 -6.13
O2S MES E . -13.10 18.49 -7.54
O3S MES E . -13.80 18.31 -5.07
O1 MES F . -0.57 0.49 -23.21
C2 MES F . 0.67 -0.26 -22.96
C3 MES F . 0.47 -1.79 -23.12
N4 MES F . -0.64 -2.23 -22.25
C5 MES F . -1.95 -1.49 -22.60
C6 MES F . -1.71 0.06 -22.40
C7 MES F . -0.84 -3.69 -22.44
C8 MES F . 0.00 -4.55 -21.46
S MES F . -1.10 -5.43 -20.37
O1S MES F . -1.73 -4.30 -19.28
O2S MES F . -0.26 -6.54 -19.60
O3S MES F . -2.25 -6.09 -21.21
O1 MES G . 10.25 -11.54 3.68
C2 MES G . 11.68 -11.21 3.69
C3 MES G . 12.56 -12.49 3.77
N4 MES G . 12.13 -13.29 4.96
C5 MES G . 10.65 -13.67 4.85
C6 MES G . 9.81 -12.36 4.80
C7 MES G . 13.00 -14.51 5.03
C8 MES G . 13.37 -14.85 6.51
S MES G . 15.06 -15.43 6.64
O1S MES G . 15.09 -17.07 6.37
O2S MES G . 15.61 -15.09 8.10
O3S MES G . 15.97 -14.71 5.55
O1 MES H . -2.10 -1.84 24.18
C2 MES H . -3.48 -2.25 24.40
C3 MES H . -3.58 -3.45 25.38
N4 MES H . -2.71 -4.56 24.86
C5 MES H . -1.27 -4.10 24.70
C6 MES H . -1.23 -2.92 23.70
C7 MES H . -2.79 -5.68 25.81
C8 MES H . -3.40 -6.94 25.16
S MES H . -4.87 -7.36 26.07
O1S MES H . -5.57 -8.74 25.40
O2S MES H . -5.87 -6.14 26.01
O3S MES H . -4.46 -7.65 27.56
#